data_3LWB
#
_entry.id   3LWB
#
_cell.length_a   51.720
_cell.length_b   108.302
_cell.length_c   69.064
_cell.angle_alpha   90.000
_cell.angle_beta   99.920
_cell.angle_gamma   90.000
#
_symmetry.space_group_name_H-M   'P 1 21 1'
#
loop_
_entity.id
_entity.type
_entity.pdbx_description
1 polymer 'D-alanine--D-alanine ligase'
2 non-polymer 'NITRATE ION'
3 water water
#
_entity_poly.entity_id   1
_entity_poly.type   'polypeptide(L)'
_entity_poly.pdbx_seq_one_letter_code
;MSANDRRDRRVRVAVVFGGRSNEHAISCVSAGSILRNLDSRRFDVIAVGITPAGSWVLTDANPDALTITNRELPQVKSGS
GTELALPADPRRGGQLVSLPPGAGEVLESVDVVFPVLHGPYGEDGTIQGLLELAGVPYVGAGVLASAVGMDKEFTKKLLA
ADGLPVGAYAVLRPPRSTLHRQECERLGLPVFVKPARGGSSIGVSRVSSWDQLPAAVARARRHDPKVIVEAAISGRELEC
GVLEMPDGTLEASTLGEIRVAGVRGREDSFYDFATKYLDDAAELDVPAKVDDQVAEAIRQLAIRAFAAIDCRGLARVDFF
LTDDGPVINEINTMPGFTTISMYPRMWAASGVDYPTLLATMIETTLARGVGLH
;
_entity_poly.pdbx_strand_id   A,B
#
loop_
_chem_comp.id
_chem_comp.type
_chem_comp.name
_chem_comp.formula
NO3 non-polymer 'NITRATE ION' 'N O3 -1'
#
# COMPACT_ATOMS: atom_id res chain seq x y z
N ARG A 7 8.90 -4.62 -38.22
CA ARG A 7 8.70 -6.04 -38.48
C ARG A 7 7.33 -6.50 -37.98
N ASP A 8 6.87 -7.64 -38.50
CA ASP A 8 5.62 -8.24 -38.06
C ASP A 8 5.86 -9.03 -36.78
N ARG A 9 6.84 -8.59 -36.00
CA ARG A 9 7.17 -9.24 -34.74
C ARG A 9 7.46 -8.21 -33.66
N ARG A 10 7.52 -6.94 -34.06
CA ARG A 10 7.82 -5.85 -33.13
C ARG A 10 6.73 -5.65 -32.09
N VAL A 11 7.14 -5.40 -30.86
CA VAL A 11 6.21 -5.00 -29.81
C VAL A 11 5.58 -3.65 -30.18
N ARG A 12 4.26 -3.55 -30.04
CA ARG A 12 3.55 -2.32 -30.35
C ARG A 12 3.35 -1.46 -29.10
N VAL A 13 3.85 -0.23 -29.16
CA VAL A 13 3.91 0.64 -27.98
C VAL A 13 3.17 1.94 -28.21
N ALA A 14 2.30 2.31 -27.26
CA ALA A 14 1.70 3.64 -27.23
C ALA A 14 2.32 4.50 -26.13
N VAL A 15 2.97 5.58 -26.53
CA VAL A 15 3.45 6.55 -25.56
C VAL A 15 2.32 7.54 -25.33
N VAL A 16 1.74 7.49 -24.14
CA VAL A 16 0.54 8.28 -23.83
C VAL A 16 0.90 9.42 -22.87
N PHE A 17 0.53 10.64 -23.24
CA PHE A 17 0.91 11.80 -22.46
C PHE A 17 -0.18 12.87 -22.49
N GLY A 18 -0.13 13.80 -21.54
CA GLY A 18 -1.12 14.85 -21.46
C GLY A 18 -0.82 16.03 -22.36
N GLY A 19 -1.81 16.49 -23.12
CA GLY A 19 -1.70 17.76 -23.82
C GLY A 19 -1.36 18.77 -22.72
N ALA A 25 4.87 20.91 -22.55
CA ALA A 25 5.51 21.31 -21.32
C ALA A 25 6.30 20.06 -20.93
N ILE A 26 6.54 19.84 -19.64
CA ILE A 26 7.29 18.64 -19.23
C ILE A 26 6.72 17.34 -19.83
N SER A 27 5.40 17.21 -19.82
CA SER A 27 4.78 15.98 -20.32
C SER A 27 5.04 15.75 -21.82
N CYS A 28 4.92 16.81 -22.62
CA CYS A 28 5.26 16.73 -24.04
C CYS A 28 6.75 16.49 -24.25
N VAL A 29 7.59 17.18 -23.49
CA VAL A 29 9.03 16.98 -23.58
C VAL A 29 9.47 15.57 -23.15
N SER A 30 8.81 15.03 -22.13
CA SER A 30 9.05 13.67 -21.67
C SER A 30 8.64 12.71 -22.76
N ALA A 31 7.44 12.90 -23.29
CA ALA A 31 6.96 12.06 -24.39
C ALA A 31 7.93 12.12 -25.56
N GLY A 32 8.41 13.32 -25.86
CA GLY A 32 9.36 13.49 -26.95
C GLY A 32 10.63 12.69 -26.71
N SER A 33 11.19 12.83 -25.51
CA SER A 33 12.38 12.09 -25.12
C SER A 33 12.17 10.58 -25.29
N ILE A 34 11.06 10.06 -24.79
CA ILE A 34 10.80 8.63 -24.90
C ILE A 34 10.67 8.21 -26.36
N LEU A 35 9.95 9.01 -27.15
CA LEU A 35 9.68 8.67 -28.54
C LEU A 35 10.97 8.57 -29.34
N ARG A 36 11.89 9.51 -29.13
CA ARG A 36 13.14 9.53 -29.86
C ARG A 36 14.09 8.41 -29.47
N ASN A 37 13.93 7.85 -28.27
CA ASN A 37 14.86 6.85 -27.77
C ASN A 37 14.38 5.40 -27.79
N LEU A 38 13.17 5.18 -28.29
CA LEU A 38 12.69 3.83 -28.51
C LEU A 38 13.21 3.28 -29.83
N ASP A 39 13.94 2.18 -29.77
CA ASP A 39 14.53 1.53 -30.94
C ASP A 39 13.45 1.03 -31.89
N SER A 40 13.33 1.69 -33.04
CA SER A 40 12.28 1.35 -34.01
C SER A 40 12.54 0.01 -34.71
N ARG A 41 13.75 -0.51 -34.55
CA ARG A 41 14.06 -1.84 -35.06
C ARG A 41 13.37 -2.87 -34.18
N ARG A 42 13.01 -2.43 -32.99
CA ARG A 42 12.50 -3.33 -31.97
C ARG A 42 11.04 -3.04 -31.61
N PHE A 43 10.68 -1.76 -31.62
CA PHE A 43 9.34 -1.34 -31.20
C PHE A 43 8.58 -0.62 -32.29
N ASP A 44 7.28 -0.93 -32.40
CA ASP A 44 6.39 -0.22 -33.32
C ASP A 44 5.61 0.81 -32.50
N VAL A 45 6.02 2.06 -32.60
CA VAL A 45 5.61 3.06 -31.62
C VAL A 45 4.64 4.10 -32.15
N ILE A 46 3.60 4.39 -31.35
CA ILE A 46 2.67 5.45 -31.69
C ILE A 46 2.56 6.42 -30.53
N ALA A 47 2.10 7.64 -30.83
CA ALA A 47 2.06 8.71 -29.86
C ALA A 47 0.64 9.19 -29.63
N VAL A 48 0.22 9.20 -28.37
CA VAL A 48 -1.14 9.56 -28.00
C VAL A 48 -1.17 10.70 -27.00
N GLY A 49 -1.76 11.83 -27.39
CA GLY A 49 -1.95 12.94 -26.48
C GLY A 49 -3.35 12.96 -25.90
N ILE A 50 -3.46 13.19 -24.60
CA ILE A 50 -4.75 13.28 -23.94
C ILE A 50 -5.15 14.76 -23.80
N THR A 51 -6.29 15.13 -24.39
CA THR A 51 -6.76 16.52 -24.36
C THR A 51 -7.19 16.90 -22.94
N PRO A 52 -7.22 18.19 -22.65
CA PRO A 52 -7.71 18.64 -21.34
C PRO A 52 -8.99 17.92 -20.94
N ALA A 53 -9.94 17.84 -21.85
CA ALA A 53 -11.20 17.13 -21.62
C ALA A 53 -11.05 15.62 -21.39
N GLY A 54 -9.90 15.06 -21.77
CA GLY A 54 -9.61 13.65 -21.53
C GLY A 54 -9.76 12.72 -22.73
N SER A 55 -9.94 13.28 -23.92
CA SER A 55 -9.97 12.46 -25.13
C SER A 55 -8.57 12.05 -25.59
N TRP A 56 -8.45 10.83 -26.09
CA TRP A 56 -7.20 10.32 -26.63
C TRP A 56 -7.08 10.63 -28.11
N VAL A 57 -6.12 11.49 -28.45
CA VAL A 57 -5.93 11.95 -29.82
C VAL A 57 -4.54 11.55 -30.26
N LEU A 58 -4.45 10.90 -31.42
CA LEU A 58 -3.17 10.46 -31.96
C LEU A 58 -2.42 11.66 -32.51
N THR A 59 -1.09 11.61 -32.39
CA THR A 59 -0.24 12.70 -32.81
C THR A 59 1.02 12.17 -33.50
N ASP A 60 1.60 13.00 -34.37
CA ASP A 60 2.80 12.60 -35.09
C ASP A 60 3.85 12.20 -34.08
N ALA A 61 4.28 10.95 -34.16
CA ALA A 61 5.28 10.46 -33.23
C ALA A 61 6.65 11.04 -33.55
N ASN A 62 6.72 12.02 -34.47
CA ASN A 62 7.94 12.19 -35.23
C ASN A 62 8.11 10.69 -35.29
N VAL A 97 -14.84 -1.74 -20.18
CA VAL A 97 -15.86 -0.90 -19.56
C VAL A 97 -15.97 0.45 -20.25
N SER A 98 -16.19 1.50 -19.47
CA SER A 98 -16.34 2.84 -20.03
C SER A 98 -15.02 3.59 -20.15
N LEU A 99 -14.45 3.58 -21.35
CA LEU A 99 -13.17 4.24 -21.61
C LEU A 99 -13.36 5.59 -22.31
N PRO A 100 -12.37 6.50 -22.16
CA PRO A 100 -12.44 7.81 -22.79
C PRO A 100 -12.49 7.75 -24.32
N PRO A 101 -13.03 8.81 -24.94
CA PRO A 101 -13.09 8.94 -26.39
C PRO A 101 -11.73 8.64 -27.03
N GLY A 102 -11.70 7.68 -27.95
CA GLY A 102 -10.49 7.36 -28.69
C GLY A 102 -9.59 6.35 -28.02
N ALA A 103 -9.82 6.08 -26.73
CA ALA A 103 -8.91 5.24 -25.96
C ALA A 103 -9.08 3.78 -26.33
N GLY A 104 -10.32 3.37 -26.58
CA GLY A 104 -10.61 1.99 -26.95
C GLY A 104 -9.84 1.55 -28.18
N GLU A 105 -9.88 2.37 -29.22
CA GLU A 105 -9.26 2.04 -30.50
C GLU A 105 -7.74 2.02 -30.40
N VAL A 106 -7.19 2.93 -29.61
CA VAL A 106 -5.75 2.96 -29.39
C VAL A 106 -5.26 1.71 -28.65
N LEU A 107 -5.93 1.35 -27.56
CA LEU A 107 -5.48 0.25 -26.71
C LEU A 107 -5.51 -1.13 -27.40
N GLU A 108 -6.52 -1.40 -28.22
CA GLU A 108 -6.58 -2.68 -28.91
C GLU A 108 -5.45 -2.83 -29.94
N SER A 109 -4.92 -1.70 -30.39
CA SER A 109 -3.86 -1.70 -31.40
C SER A 109 -2.45 -1.76 -30.82
N VAL A 110 -2.30 -1.95 -29.52
CA VAL A 110 -0.97 -2.03 -28.92
C VAL A 110 -0.82 -3.13 -27.86
N ASP A 111 0.43 -3.52 -27.63
CA ASP A 111 0.75 -4.55 -26.67
C ASP A 111 1.13 -3.95 -25.31
N VAL A 112 1.68 -2.75 -25.35
CA VAL A 112 2.11 -2.12 -24.10
C VAL A 112 1.96 -0.61 -24.22
N VAL A 113 1.58 0.02 -23.11
CA VAL A 113 1.47 1.46 -23.03
C VAL A 113 2.67 1.99 -22.23
N PHE A 114 3.28 3.07 -22.71
CA PHE A 114 4.33 3.76 -21.98
C PHE A 114 3.81 5.14 -21.61
N PRO A 115 3.25 5.26 -20.40
CA PRO A 115 2.56 6.50 -20.04
C PRO A 115 3.47 7.51 -19.39
N VAL A 116 3.25 8.79 -19.69
CA VAL A 116 3.94 9.87 -19.02
C VAL A 116 3.10 10.29 -17.81
N LEU A 117 3.55 9.91 -16.62
CA LEU A 117 2.77 10.08 -15.41
C LEU A 117 3.01 11.47 -14.83
N HIS A 118 2.63 12.48 -15.60
CA HIS A 118 2.93 13.86 -15.25
C HIS A 118 1.86 14.75 -15.87
N GLY A 119 1.53 15.83 -15.16
CA GLY A 119 0.54 16.78 -15.62
C GLY A 119 0.90 18.17 -15.13
N PRO A 120 0.03 19.15 -15.39
CA PRO A 120 0.33 20.55 -15.06
C PRO A 120 0.67 20.77 -13.60
N TYR A 121 0.22 19.87 -12.71
CA TYR A 121 0.44 20.06 -11.28
C TYR A 121 1.50 19.11 -10.73
N GLY A 122 2.21 18.41 -11.62
CA GLY A 122 3.27 17.52 -11.22
C GLY A 122 3.03 16.07 -11.59
N GLU A 123 3.52 15.17 -10.74
CA GLU A 123 3.28 13.74 -10.92
C GLU A 123 1.79 13.45 -10.98
N ASP A 124 1.39 12.54 -11.87
CA ASP A 124 -0.02 12.23 -12.05
C ASP A 124 -0.15 10.79 -12.52
N GLY A 125 -0.53 9.90 -11.61
CA GLY A 125 -0.59 8.47 -11.88
C GLY A 125 -1.97 7.99 -12.28
N THR A 126 -2.85 8.95 -12.53
CA THR A 126 -4.26 8.68 -12.84
C THR A 126 -4.45 7.57 -13.86
N ILE A 127 -3.76 7.66 -14.99
CA ILE A 127 -3.96 6.74 -16.09
C ILE A 127 -3.70 5.27 -15.71
N GLN A 128 -2.89 5.05 -14.67
CA GLN A 128 -2.54 3.70 -14.25
C GLN A 128 -3.79 2.88 -13.92
N GLY A 129 -4.77 3.54 -13.30
CA GLY A 129 -6.01 2.87 -12.91
C GLY A 129 -6.83 2.47 -14.12
N LEU A 130 -6.84 3.33 -15.13
CA LEU A 130 -7.53 3.01 -16.37
C LEU A 130 -6.90 1.77 -17.00
N LEU A 131 -5.58 1.80 -17.14
CA LEU A 131 -4.88 0.69 -17.77
C LEU A 131 -5.03 -0.63 -16.99
N GLU A 132 -5.02 -0.55 -15.67
CA GLU A 132 -5.24 -1.73 -14.83
C GLU A 132 -6.62 -2.29 -15.15
N LEU A 133 -7.56 -1.37 -15.35
CA LEU A 133 -8.96 -1.72 -15.59
C LEU A 133 -9.13 -2.29 -16.99
N ALA A 134 -8.36 -1.77 -17.95
CA ALA A 134 -8.47 -2.20 -19.32
C ALA A 134 -7.73 -3.50 -19.55
N GLY A 135 -6.84 -3.85 -18.62
CA GLY A 135 -6.08 -5.08 -18.72
C GLY A 135 -4.91 -4.97 -19.66
N VAL A 136 -4.40 -3.76 -19.80
CA VAL A 136 -3.28 -3.50 -20.69
C VAL A 136 -1.98 -3.35 -19.89
N PRO A 137 -0.94 -4.09 -20.29
CA PRO A 137 0.36 -3.92 -19.61
C PRO A 137 0.89 -2.51 -19.88
N TYR A 138 1.61 -1.95 -18.92
CA TYR A 138 2.16 -0.61 -19.06
C TYR A 138 3.37 -0.45 -18.14
N VAL A 139 4.30 0.43 -18.53
CA VAL A 139 5.44 0.75 -17.67
C VAL A 139 4.97 1.66 -16.54
N GLY A 140 5.13 1.20 -15.30
CA GLY A 140 4.81 2.01 -14.12
C GLY A 140 4.84 1.23 -12.81
N ALA A 141 4.97 1.94 -11.69
CA ALA A 141 5.00 1.31 -10.38
C ALA A 141 3.70 0.57 -10.04
N GLY A 142 2.61 0.97 -10.67
CA GLY A 142 1.31 0.36 -10.41
C GLY A 142 0.48 1.16 -9.43
N VAL A 143 -0.83 0.94 -9.46
CA VAL A 143 -1.78 1.66 -8.60
C VAL A 143 -1.43 1.59 -7.11
N LEU A 144 -1.14 0.38 -6.64
CA LEU A 144 -0.95 0.15 -5.22
C LEU A 144 0.34 0.78 -4.69
N ALA A 145 1.46 0.52 -5.36
CA ALA A 145 2.74 1.08 -4.93
C ALA A 145 2.68 2.60 -4.95
N SER A 146 2.00 3.14 -5.95
CA SER A 146 1.90 4.60 -6.07
C SER A 146 1.05 5.20 -4.96
N ALA A 147 -0.04 4.54 -4.60
CA ALA A 147 -0.87 5.00 -3.50
C ALA A 147 -0.05 5.01 -2.20
N VAL A 148 0.68 3.93 -1.96
CA VAL A 148 1.58 3.85 -0.83
C VAL A 148 2.62 4.96 -0.89
N GLY A 149 3.34 5.04 -2.01
CA GLY A 149 4.37 6.05 -2.20
C GLY A 149 3.85 7.46 -1.99
N MET A 150 2.58 7.68 -2.31
CA MET A 150 1.96 9.00 -2.19
C MET A 150 1.67 9.38 -0.73
N ASP A 151 1.67 8.41 0.17
CA ASP A 151 1.28 8.64 1.55
C ASP A 151 2.53 8.55 2.45
N LYS A 152 2.96 9.69 2.98
CA LYS A 152 4.17 9.74 3.81
C LYS A 152 4.10 8.80 5.02
N GLU A 153 2.94 8.75 5.68
CA GLU A 153 2.80 7.85 6.81
C GLU A 153 3.07 6.40 6.42
N PHE A 154 2.32 5.90 5.43
CA PHE A 154 2.44 4.52 5.02
C PHE A 154 3.83 4.22 4.49
N THR A 155 4.39 5.14 3.71
CA THR A 155 5.73 4.95 3.21
C THR A 155 6.73 4.80 4.36
N LYS A 156 6.73 5.76 5.28
CA LYS A 156 7.65 5.73 6.41
C LYS A 156 7.44 4.48 7.27
N LYS A 157 6.18 4.14 7.53
CA LYS A 157 5.85 2.91 8.26
C LYS A 157 6.43 1.66 7.62
N LEU A 158 6.23 1.49 6.31
CA LEU A 158 6.73 0.31 5.62
C LEU A 158 8.26 0.26 5.59
N LEU A 159 8.89 1.40 5.30
CA LEU A 159 10.35 1.51 5.29
C LEU A 159 10.93 1.11 6.65
N ALA A 160 10.45 1.76 7.71
CA ALA A 160 10.93 1.45 9.06
C ALA A 160 10.69 -0.01 9.43
N ALA A 161 9.53 -0.55 9.03
CA ALA A 161 9.21 -1.95 9.31
C ALA A 161 10.30 -2.89 8.80
N ASP A 162 10.96 -2.48 7.71
CA ASP A 162 12.03 -3.27 7.12
C ASP A 162 13.39 -2.85 7.63
N GLY A 163 13.40 -2.07 8.71
CA GLY A 163 14.67 -1.65 9.30
C GLY A 163 15.43 -0.59 8.52
N LEU A 164 14.73 0.16 7.67
CA LEU A 164 15.38 1.21 6.88
C LEU A 164 15.35 2.54 7.63
N PRO A 165 16.35 3.39 7.39
CA PRO A 165 16.48 4.65 8.14
C PRO A 165 15.52 5.74 7.67
N VAL A 166 14.60 6.17 8.52
CA VAL A 166 13.80 7.35 8.20
C VAL A 166 13.84 8.37 9.34
N GLY A 167 13.67 9.64 9.00
CA GLY A 167 13.68 10.69 10.00
C GLY A 167 12.55 10.51 10.99
N ALA A 168 12.76 10.97 12.22
CA ALA A 168 11.73 10.90 13.24
C ALA A 168 10.54 11.79 12.88
N TYR A 169 9.34 11.34 13.23
CA TYR A 169 8.14 12.09 12.89
C TYR A 169 6.94 11.63 13.71
N ALA A 170 5.88 12.44 13.66
CA ALA A 170 4.62 12.07 14.28
C ALA A 170 3.50 12.35 13.30
N VAL A 171 2.36 11.67 13.47
CA VAL A 171 1.19 11.89 12.62
C VAL A 171 -0.01 12.42 13.40
N LEU A 172 -0.63 13.48 12.88
CA LEU A 172 -1.77 14.08 13.55
C LEU A 172 -3.05 13.95 12.71
N ARG A 173 -4.07 13.33 13.28
CA ARG A 173 -5.39 13.27 12.67
C ARG A 173 -6.34 14.18 13.43
N PRO A 174 -7.38 14.68 12.75
CA PRO A 174 -8.38 15.51 13.42
C PRO A 174 -8.92 14.78 14.64
N PRO A 175 -9.11 15.49 15.77
CA PRO A 175 -8.91 16.94 15.94
C PRO A 175 -7.47 17.30 16.32
N ARG A 176 -6.66 16.30 16.63
CA ARG A 176 -5.28 16.49 17.08
C ARG A 176 -4.53 17.55 16.26
N SER A 177 -4.20 18.67 16.91
CA SER A 177 -3.38 19.70 16.30
C SER A 177 -2.21 20.01 17.22
N THR A 178 -2.01 19.13 18.19
CA THR A 178 -1.02 19.37 19.23
C THR A 178 -0.23 18.10 19.54
N LEU A 179 1.00 18.27 20.00
CA LEU A 179 1.89 17.14 20.31
C LEU A 179 2.15 16.96 21.80
N HIS A 180 2.37 15.71 22.21
CA HIS A 180 2.74 15.40 23.58
C HIS A 180 4.18 15.84 23.86
N ARG A 181 4.48 16.16 25.12
CA ARG A 181 5.80 16.64 25.49
C ARG A 181 6.89 15.67 25.09
N GLN A 182 6.64 14.38 25.29
CA GLN A 182 7.59 13.34 24.95
C GLN A 182 7.85 13.33 23.43
N GLU A 183 6.81 13.58 22.65
CA GLU A 183 6.93 13.67 21.20
CA GLU A 183 6.95 13.66 21.20
C GLU A 183 7.76 14.89 20.82
N CYS A 184 7.50 16.00 21.47
CA CYS A 184 8.25 17.21 21.22
C CYS A 184 9.75 16.98 21.46
N GLU A 185 10.09 16.39 22.60
CA GLU A 185 11.48 16.10 22.93
C GLU A 185 12.10 15.17 21.88
N ARG A 186 11.33 14.15 21.49
CA ARG A 186 11.80 13.20 20.51
C ARG A 186 12.10 13.86 19.16
N LEU A 187 11.26 14.80 18.75
CA LEU A 187 11.41 15.43 17.44
C LEU A 187 12.46 16.54 17.40
N GLY A 188 12.52 17.33 18.47
CA GLY A 188 13.34 18.53 18.50
C GLY A 188 12.76 19.60 17.60
N LEU A 189 13.47 20.70 17.44
CA LEU A 189 13.06 21.78 16.54
C LEU A 189 14.21 22.13 15.61
N PRO A 190 13.90 22.66 14.42
CA PRO A 190 12.55 22.89 13.91
C PRO A 190 11.92 21.60 13.42
N VAL A 191 10.62 21.61 13.19
CA VAL A 191 9.98 20.50 12.51
C VAL A 191 9.36 21.03 11.22
N PHE A 192 9.22 20.15 10.23
CA PHE A 192 8.54 20.49 9.00
C PHE A 192 7.18 19.82 8.98
N VAL A 193 6.13 20.64 8.93
CA VAL A 193 4.75 20.16 8.99
C VAL A 193 4.21 20.06 7.57
N LYS A 194 3.71 18.89 7.19
CA LYS A 194 3.28 18.63 5.82
C LYS A 194 2.00 17.80 5.71
N PRO A 195 1.17 18.05 4.69
CA PRO A 195 0.08 17.09 4.45
C PRO A 195 0.68 15.71 4.19
N ALA A 196 0.13 14.66 4.76
CA ALA A 196 0.69 13.33 4.51
C ALA A 196 0.62 13.00 3.02
N ARG A 197 -0.45 13.44 2.38
CA ARG A 197 -0.62 13.21 0.94
C ARG A 197 -0.74 14.53 0.22
N GLY A 198 0.21 14.80 -0.66
CA GLY A 198 0.24 16.02 -1.44
C GLY A 198 1.55 16.09 -2.19
N GLY A 199 1.71 17.13 -3.01
CA GLY A 199 2.93 17.29 -3.75
C GLY A 199 3.45 18.71 -3.76
N SER A 200 4.60 18.88 -4.41
CA SER A 200 5.13 20.20 -4.71
C SER A 200 5.24 21.07 -3.46
N SER A 201 5.34 20.43 -2.30
CA SER A 201 5.57 21.16 -1.05
C SER A 201 4.48 22.20 -0.74
N ILE A 202 3.25 21.91 -1.15
CA ILE A 202 2.13 22.77 -0.80
C ILE A 202 1.64 22.44 0.61
N GLY A 203 1.27 23.48 1.36
CA GLY A 203 0.75 23.31 2.70
C GLY A 203 1.83 22.98 3.70
N VAL A 204 3.08 23.21 3.32
CA VAL A 204 4.22 22.86 4.16
C VAL A 204 4.74 24.06 4.97
N SER A 205 5.02 23.83 6.25
CA SER A 205 5.45 24.89 7.16
C SER A 205 6.74 24.55 7.92
N ARG A 206 7.61 25.53 8.08
CA ARG A 206 8.77 25.36 8.95
C ARG A 206 8.33 25.83 10.30
N VAL A 207 8.28 24.92 11.27
CA VAL A 207 7.87 25.27 12.62
C VAL A 207 9.10 25.40 13.51
N SER A 208 9.23 26.55 14.16
CA SER A 208 10.46 26.87 14.86
C SER A 208 10.29 27.03 16.38
N SER A 209 9.04 27.09 16.84
CA SER A 209 8.73 26.95 18.25
C SER A 209 7.43 26.16 18.32
N TRP A 210 7.20 25.49 19.45
CA TRP A 210 6.00 24.66 19.55
C TRP A 210 4.71 25.47 19.48
N ASP A 211 4.78 26.75 19.88
CA ASP A 211 3.63 27.64 19.75
C ASP A 211 3.14 27.79 18.32
N GLN A 212 4.03 27.57 17.34
CA GLN A 212 3.69 27.73 15.93
C GLN A 212 2.98 26.51 15.34
N LEU A 213 2.95 25.42 16.09
CA LEU A 213 2.47 24.15 15.55
C LEU A 213 1.00 24.16 15.10
N PRO A 214 0.09 24.59 15.99
CA PRO A 214 -1.35 24.64 15.68
C PRO A 214 -1.67 25.30 14.36
N ALA A 215 -1.15 26.50 14.13
CA ALA A 215 -1.36 27.19 12.87
C ALA A 215 -0.80 26.38 11.72
N ALA A 216 0.36 25.78 11.93
CA ALA A 216 1.00 25.00 10.87
C ALA A 216 0.15 23.77 10.51
N VAL A 217 -0.44 23.15 11.53
CA VAL A 217 -1.28 21.98 11.32
C VAL A 217 -2.55 22.38 10.55
N ALA A 218 -3.19 23.48 10.96
CA ALA A 218 -4.38 23.96 10.27
C ALA A 218 -4.08 24.26 8.80
N ARG A 219 -2.94 24.88 8.54
CA ARG A 219 -2.53 25.13 7.17
C ARG A 219 -2.37 23.83 6.35
N ALA A 220 -1.65 22.85 6.90
CA ALA A 220 -1.50 21.55 6.26
C ALA A 220 -2.85 20.83 6.12
N ARG A 221 -3.71 21.01 7.11
CA ARG A 221 -4.99 20.33 7.12
C ARG A 221 -5.93 20.83 6.02
N ARG A 222 -5.69 22.02 5.48
CA ARG A 222 -6.44 22.54 4.33
CA ARG A 222 -6.51 22.48 4.38
C ARG A 222 -6.28 21.62 3.13
N HIS A 223 -5.19 20.84 3.16
CA HIS A 223 -4.81 20.00 2.03
C HIS A 223 -4.96 18.51 2.34
N ASP A 224 -4.72 18.12 3.58
CA ASP A 224 -4.88 16.73 3.99
C ASP A 224 -5.22 16.71 5.46
N PRO A 225 -6.36 16.09 5.80
CA PRO A 225 -6.76 15.91 7.19
C PRO A 225 -5.63 15.29 8.00
N LYS A 226 -4.95 14.33 7.39
CA LYS A 226 -3.80 13.68 8.02
C LYS A 226 -2.52 14.48 7.78
N VAL A 227 -1.89 14.89 8.88
CA VAL A 227 -0.80 15.84 8.84
C VAL A 227 0.43 15.18 9.46
N ILE A 228 1.59 15.34 8.83
CA ILE A 228 2.81 14.76 9.36
CA ILE A 228 2.83 14.76 9.34
C ILE A 228 3.76 15.83 9.88
N VAL A 229 4.24 15.63 11.10
CA VAL A 229 5.19 16.55 11.71
C VAL A 229 6.55 15.87 11.70
N GLU A 230 7.43 16.32 10.82
CA GLU A 230 8.71 15.66 10.62
C GLU A 230 9.84 16.45 11.28
N ALA A 231 10.73 15.75 11.98
CA ALA A 231 11.99 16.34 12.38
C ALA A 231 12.68 16.83 11.12
N ALA A 232 13.34 17.98 11.20
CA ALA A 232 14.11 18.49 10.08
C ALA A 232 15.31 17.57 9.84
N ILE A 233 15.60 17.28 8.58
CA ILE A 233 16.77 16.50 8.23
C ILE A 233 17.64 17.33 7.32
N SER A 234 18.96 17.23 7.48
CA SER A 234 19.88 17.97 6.62
C SER A 234 21.21 17.25 6.39
N GLY A 235 21.92 17.73 5.37
CA GLY A 235 23.20 17.15 5.01
C GLY A 235 23.36 17.25 3.51
N ARG A 236 23.94 16.22 2.91
CA ARG A 236 24.03 16.13 1.46
C ARG A 236 22.85 15.35 0.91
N GLU A 237 22.23 15.87 -0.13
CA GLU A 237 21.10 15.20 -0.72
C GLU A 237 21.53 14.35 -1.90
N LEU A 238 21.35 13.05 -1.78
CA LEU A 238 21.75 12.11 -2.82
C LEU A 238 20.57 11.30 -3.32
N GLU A 239 20.51 11.12 -4.64
CA GLU A 239 19.46 10.33 -5.27
C GLU A 239 20.02 9.00 -5.74
N CYS A 240 19.17 7.98 -5.77
CA CYS A 240 19.51 6.71 -6.38
C CYS A 240 18.30 6.19 -7.14
N GLY A 241 18.52 5.76 -8.39
CA GLY A 241 17.44 5.23 -9.22
C GLY A 241 17.47 3.72 -9.21
N VAL A 242 16.33 3.09 -8.95
CA VAL A 242 16.24 1.65 -8.90
C VAL A 242 15.48 1.18 -10.16
N LEU A 243 15.95 0.11 -10.78
CA LEU A 243 15.32 -0.45 -12.00
C LEU A 243 15.05 -1.94 -11.82
N GLU A 244 13.83 -2.37 -12.13
CA GLU A 244 13.47 -3.77 -11.99
C GLU A 244 13.69 -4.53 -13.28
N MET A 245 14.50 -5.59 -13.22
CA MET A 245 14.80 -6.39 -14.40
C MET A 245 13.68 -7.38 -14.68
N PRO A 246 13.63 -7.94 -15.90
CA PRO A 246 12.50 -8.80 -16.27
C PRO A 246 12.32 -10.01 -15.35
N ASP A 247 13.38 -10.47 -14.68
CA ASP A 247 13.26 -11.61 -13.78
C ASP A 247 12.97 -11.19 -12.34
N GLY A 248 12.87 -9.88 -12.12
CA GLY A 248 12.56 -9.37 -10.80
C GLY A 248 13.76 -8.79 -10.07
N THR A 249 14.96 -9.06 -10.59
CA THR A 249 16.20 -8.54 -10.03
C THR A 249 16.14 -7.02 -10.01
N LEU A 250 16.53 -6.41 -8.88
CA LEU A 250 16.56 -4.96 -8.74
C LEU A 250 17.98 -4.44 -8.90
N GLU A 251 18.16 -3.45 -9.76
CA GLU A 251 19.47 -2.86 -9.98
C GLU A 251 19.44 -1.42 -9.51
N ALA A 252 20.51 -0.97 -8.87
CA ALA A 252 20.56 0.39 -8.37
C ALA A 252 21.53 1.23 -9.19
N SER A 253 21.15 2.45 -9.51
CA SER A 253 22.00 3.34 -10.29
C SER A 253 23.15 3.91 -9.47
N THR A 254 24.14 4.47 -10.15
CA THR A 254 25.13 5.30 -9.48
C THR A 254 24.38 6.50 -8.87
N LEU A 255 24.95 7.07 -7.81
CA LEU A 255 24.29 8.14 -7.09
C LEU A 255 24.36 9.45 -7.85
N GLY A 256 23.34 10.29 -7.65
CA GLY A 256 23.36 11.65 -8.16
C GLY A 256 23.15 12.62 -7.02
N GLU A 257 23.89 13.72 -6.99
CA GLU A 257 23.74 14.69 -5.92
C GLU A 257 23.15 16.00 -6.39
N ILE A 258 22.28 16.59 -5.58
CA ILE A 258 21.76 17.93 -5.86
C ILE A 258 22.15 18.94 -4.76
N ARG A 259 22.47 20.16 -5.17
CA ARG A 259 22.67 21.26 -4.23
C ARG A 259 21.88 22.47 -4.68
N VAL A 260 21.09 23.04 -3.78
CA VAL A 260 20.32 24.21 -4.11
C VAL A 260 20.57 25.28 -3.05
N ALA A 261 21.17 24.87 -1.95
CA ALA A 261 21.55 25.80 -0.89
C ALA A 261 23.00 26.24 -1.09
N GLY A 262 23.16 27.49 -1.55
CA GLY A 262 24.49 27.99 -1.85
C GLY A 262 25.33 28.26 -0.62
N VAL A 263 25.06 29.39 0.03
CA VAL A 263 25.84 29.83 1.18
C VAL A 263 25.76 28.88 2.36
N ARG A 264 24.62 28.18 2.49
CA ARG A 264 24.36 27.34 3.65
C ARG A 264 25.20 26.07 3.67
N GLY A 265 25.70 25.67 2.49
CA GLY A 265 26.56 24.51 2.37
C GLY A 265 25.91 23.17 2.63
N ARG A 266 24.69 23.18 3.17
CA ARG A 266 23.97 21.94 3.45
C ARG A 266 22.49 22.02 3.07
N GLU A 267 22.00 20.95 2.45
CA GLU A 267 20.61 20.87 2.06
C GLU A 267 19.78 20.44 3.25
N ASP A 268 18.50 20.81 3.27
CA ASP A 268 17.57 20.18 4.20
C ASP A 268 16.31 19.69 3.49
N SER A 269 15.46 18.99 4.25
CA SER A 269 14.32 18.27 3.70
C SER A 269 13.02 19.09 3.60
N PHE A 270 13.13 20.40 3.69
CA PHE A 270 11.92 21.24 3.60
C PHE A 270 11.20 21.09 2.25
N TYR A 271 11.89 21.38 1.16
CA TYR A 271 11.30 21.18 -0.18
C TYR A 271 11.58 19.77 -0.69
N ASP A 272 10.68 19.26 -1.52
CA ASP A 272 10.87 17.96 -2.16
C ASP A 272 11.89 18.10 -3.27
N PHE A 273 12.52 16.99 -3.65
CA PHE A 273 13.58 16.98 -4.65
C PHE A 273 13.13 17.57 -5.98
N ALA A 274 11.92 17.22 -6.40
CA ALA A 274 11.41 17.63 -7.70
C ALA A 274 11.31 19.14 -7.76
N THR A 275 10.78 19.75 -6.71
CA THR A 275 10.73 21.20 -6.59
C THR A 275 12.12 21.82 -6.65
N LYS A 276 13.07 21.23 -5.93
CA LYS A 276 14.44 21.74 -5.92
C LYS A 276 15.07 21.60 -7.30
N TYR A 277 14.69 20.54 -8.01
CA TYR A 277 15.26 20.26 -9.31
C TYR A 277 14.82 21.32 -10.32
N LEU A 278 13.69 21.96 -10.06
CA LEU A 278 13.17 23.00 -10.94
C LEU A 278 13.75 24.39 -10.62
N ASP A 279 14.55 24.46 -9.56
CA ASP A 279 15.19 25.72 -9.18
C ASP A 279 16.31 26.03 -10.17
N ASP A 280 16.28 27.24 -10.73
CA ASP A 280 17.31 27.64 -11.69
C ASP A 280 18.69 27.54 -11.05
N ALA A 281 18.74 27.63 -9.73
CA ALA A 281 20.01 27.67 -9.01
C ALA A 281 20.55 26.29 -8.59
N ALA A 282 19.81 25.23 -8.93
CA ALA A 282 20.22 23.88 -8.56
C ALA A 282 21.49 23.47 -9.28
N GLU A 283 22.36 22.75 -8.58
CA GLU A 283 23.56 22.17 -9.18
C GLU A 283 23.53 20.67 -8.97
N LEU A 284 23.77 19.91 -10.03
CA LEU A 284 23.73 18.47 -9.97
C LEU A 284 25.13 17.88 -10.20
N ASP A 285 25.51 16.89 -9.39
CA ASP A 285 26.70 16.11 -9.69
C ASP A 285 26.26 14.70 -9.98
N VAL A 286 26.59 14.21 -11.17
CA VAL A 286 26.27 12.84 -11.56
C VAL A 286 27.45 12.28 -12.35
N PRO A 287 28.24 11.38 -11.74
CA PRO A 287 27.96 10.79 -10.43
C PRO A 287 28.28 11.71 -9.25
N ALA A 288 27.71 11.40 -8.09
CA ALA A 288 27.99 12.15 -6.88
C ALA A 288 29.37 11.77 -6.38
N LYS A 289 30.08 12.73 -5.78
CA LYS A 289 31.44 12.48 -5.29
C LYS A 289 31.43 12.01 -3.84
N VAL A 290 31.39 10.69 -3.67
CA VAL A 290 31.14 10.07 -2.38
C VAL A 290 32.00 8.83 -2.22
N ASP A 291 32.40 8.53 -0.98
CA ASP A 291 33.14 7.30 -0.70
C ASP A 291 32.47 6.10 -1.35
N ASP A 292 33.28 5.24 -1.99
CA ASP A 292 32.75 4.06 -2.67
C ASP A 292 31.97 3.14 -1.72
N GLN A 293 32.46 3.01 -0.49
CA GLN A 293 31.80 2.15 0.49
C GLN A 293 30.44 2.71 0.89
N VAL A 294 30.38 4.03 1.11
CA VAL A 294 29.12 4.67 1.47
C VAL A 294 28.13 4.64 0.29
N ALA A 295 28.64 4.92 -0.90
CA ALA A 295 27.82 4.83 -2.11
C ALA A 295 27.21 3.44 -2.25
N GLU A 296 27.99 2.43 -1.92
CA GLU A 296 27.53 1.05 -2.04
C GLU A 296 26.43 0.78 -1.03
N ALA A 297 26.63 1.25 0.20
CA ALA A 297 25.65 1.07 1.25
C ALA A 297 24.33 1.75 0.88
N ILE A 298 24.42 2.96 0.33
CA ILE A 298 23.24 3.72 -0.04
C ILE A 298 22.48 3.02 -1.17
N ARG A 299 23.20 2.52 -2.15
CA ARG A 299 22.53 1.80 -3.24
C ARG A 299 21.79 0.57 -2.71
N GLN A 300 22.39 -0.15 -1.76
CA GLN A 300 21.71 -1.29 -1.14
C GLN A 300 20.42 -0.84 -0.43
N LEU A 301 20.50 0.27 0.27
CA LEU A 301 19.33 0.82 0.94
C LEU A 301 18.22 1.15 -0.07
N ALA A 302 18.61 1.66 -1.24
CA ALA A 302 17.64 2.05 -2.27
C ALA A 302 16.88 0.83 -2.75
N ILE A 303 17.64 -0.24 -3.02
CA ILE A 303 17.08 -1.53 -3.40
C ILE A 303 16.06 -1.98 -2.36
N ARG A 304 16.45 -1.87 -1.09
CA ARG A 304 15.60 -2.36 -0.02
C ARG A 304 14.35 -1.50 0.11
N ALA A 305 14.49 -0.20 -0.11
CA ALA A 305 13.35 0.70 -0.07
C ALA A 305 12.32 0.33 -1.15
N PHE A 306 12.81 0.09 -2.38
CA PHE A 306 11.95 -0.36 -3.48
C PHE A 306 11.14 -1.58 -3.06
N ALA A 307 11.82 -2.59 -2.52
CA ALA A 307 11.15 -3.82 -2.08
C ALA A 307 10.20 -3.56 -0.91
N ALA A 308 10.56 -2.60 -0.06
CA ALA A 308 9.80 -2.35 1.16
C ALA A 308 8.36 -1.93 0.90
N ILE A 309 8.14 -1.22 -0.20
CA ILE A 309 6.80 -0.78 -0.57
C ILE A 309 6.24 -1.64 -1.68
N ASP A 310 6.92 -2.74 -1.99
CA ASP A 310 6.51 -3.65 -3.05
C ASP A 310 6.41 -2.92 -4.39
N CYS A 311 7.34 -2.01 -4.65
CA CYS A 311 7.30 -1.25 -5.90
C CYS A 311 7.44 -2.16 -7.12
N ARG A 312 7.09 -1.63 -8.28
CA ARG A 312 7.33 -2.33 -9.54
C ARG A 312 7.99 -1.39 -10.51
N GLY A 313 8.80 -1.92 -11.42
CA GLY A 313 9.31 -1.16 -12.56
C GLY A 313 10.50 -0.24 -12.27
N LEU A 314 10.29 0.74 -11.41
CA LEU A 314 11.25 1.83 -11.22
C LEU A 314 10.88 2.69 -10.01
N ALA A 315 11.88 3.37 -9.47
CA ALA A 315 11.66 4.39 -8.45
C ALA A 315 12.93 5.22 -8.25
N ARG A 316 12.77 6.44 -7.77
CA ARG A 316 13.91 7.26 -7.36
C ARG A 316 13.87 7.39 -5.85
N VAL A 317 14.99 7.07 -5.19
CA VAL A 317 15.06 7.19 -3.74
C VAL A 317 15.92 8.38 -3.32
N ASP A 318 15.35 9.23 -2.47
CA ASP A 318 15.95 10.50 -2.07
C ASP A 318 16.58 10.34 -0.69
N PHE A 319 17.90 10.49 -0.59
CA PHE A 319 18.61 10.33 0.68
C PHE A 319 19.21 11.62 1.17
N PHE A 320 19.28 11.78 2.48
CA PHE A 320 20.19 12.75 3.07
C PHE A 320 21.32 12.04 3.81
N LEU A 321 22.54 12.46 3.54
CA LEU A 321 23.68 11.97 4.30
CA LEU A 321 23.70 11.99 4.30
C LEU A 321 23.84 12.84 5.54
N THR A 322 23.30 12.38 6.66
CA THR A 322 23.35 13.15 7.89
C THR A 322 24.60 12.82 8.70
N ASP A 323 24.77 13.54 9.82
CA ASP A 323 25.85 13.26 10.74
C ASP A 323 25.76 11.81 11.22
N ASP A 324 24.54 11.34 11.40
CA ASP A 324 24.30 9.98 11.86
C ASP A 324 24.19 8.97 10.72
N GLY A 325 24.51 9.40 9.51
CA GLY A 325 24.45 8.52 8.35
C GLY A 325 23.25 8.75 7.45
N PRO A 326 23.05 7.85 6.47
CA PRO A 326 22.00 7.98 5.45
C PRO A 326 20.60 7.91 6.04
N VAL A 327 19.74 8.82 5.61
CA VAL A 327 18.32 8.76 5.96
C VAL A 327 17.49 8.87 4.68
N ILE A 328 16.49 8.01 4.53
CA ILE A 328 15.60 8.09 3.38
C ILE A 328 14.53 9.14 3.57
N ASN A 329 14.54 10.15 2.72
CA ASN A 329 13.54 11.22 2.84
C ASN A 329 12.33 11.01 1.92
N GLU A 330 12.54 10.29 0.81
CA GLU A 330 11.45 10.03 -0.13
C GLU A 330 11.77 8.80 -0.95
N ILE A 331 10.74 8.01 -1.27
CA ILE A 331 10.84 7.11 -2.41
C ILE A 331 9.75 7.51 -3.39
N ASN A 332 10.16 7.87 -4.59
CA ASN A 332 9.26 8.42 -5.56
C ASN A 332 9.01 7.40 -6.67
N THR A 333 7.75 7.07 -6.89
CA THR A 333 7.38 6.03 -7.84
C THR A 333 7.08 6.53 -9.25
N MET A 334 7.22 7.83 -9.48
CA MET A 334 6.98 8.39 -10.81
C MET A 334 8.13 9.29 -11.28
N PRO A 335 9.33 8.72 -11.48
CA PRO A 335 10.50 9.54 -11.81
C PRO A 335 10.34 10.22 -13.17
N GLY A 336 11.15 11.25 -13.42
CA GLY A 336 11.08 11.99 -14.68
C GLY A 336 11.64 11.22 -15.86
N PHE A 337 11.15 11.55 -17.05
CA PHE A 337 11.57 10.86 -18.26
C PHE A 337 12.17 11.76 -19.35
N THR A 338 12.36 13.04 -19.06
CA THR A 338 13.11 13.85 -20.02
C THR A 338 14.57 13.41 -19.98
N THR A 339 15.29 13.65 -21.08
CA THR A 339 16.69 13.25 -21.19
C THR A 339 17.58 13.96 -20.18
N ILE A 340 17.09 15.06 -19.60
CA ILE A 340 17.86 15.71 -18.54
C ILE A 340 17.25 15.49 -17.15
N SER A 341 16.22 14.64 -17.05
CA SER A 341 15.72 14.29 -15.73
C SER A 341 16.77 13.50 -14.94
N MET A 342 16.64 13.49 -13.63
CA MET A 342 17.64 12.86 -12.77
C MET A 342 17.71 11.34 -12.98
N TYR A 343 16.56 10.68 -13.14
CA TYR A 343 16.55 9.22 -13.28
C TYR A 343 17.35 8.75 -14.52
N PRO A 344 17.00 9.26 -15.72
CA PRO A 344 17.79 8.90 -16.92
C PRO A 344 19.28 9.27 -16.80
N ARG A 345 19.59 10.44 -16.24
CA ARG A 345 20.99 10.84 -16.08
C ARG A 345 21.77 9.88 -15.17
N MET A 346 21.19 9.53 -14.03
CA MET A 346 21.87 8.59 -13.14
C MET A 346 22.15 7.28 -13.88
N TRP A 347 21.16 6.77 -14.61
CA TRP A 347 21.37 5.52 -15.34
C TRP A 347 22.43 5.63 -16.45
N ALA A 348 22.41 6.74 -17.17
CA ALA A 348 23.44 6.98 -18.19
C ALA A 348 24.84 6.95 -17.56
N ALA A 349 25.03 7.66 -16.46
CA ALA A 349 26.30 7.63 -15.72
C ALA A 349 26.69 6.23 -15.24
N SER A 350 25.71 5.37 -15.04
CA SER A 350 25.96 3.98 -14.67
C SER A 350 26.25 3.05 -15.87
N GLY A 351 26.30 3.63 -17.07
CA GLY A 351 26.59 2.83 -18.27
C GLY A 351 25.38 2.28 -19.01
N VAL A 352 24.20 2.70 -18.61
CA VAL A 352 22.97 2.24 -19.24
C VAL A 352 22.32 3.38 -20.05
N ASP A 353 22.50 3.38 -21.36
CA ASP A 353 21.93 4.46 -22.18
C ASP A 353 20.40 4.43 -22.21
N TYR A 354 19.81 5.57 -22.53
CA TYR A 354 18.36 5.73 -22.46
C TYR A 354 17.57 4.70 -23.27
N PRO A 355 17.99 4.43 -24.50
CA PRO A 355 17.29 3.41 -25.29
C PRO A 355 17.31 2.04 -24.59
N THR A 356 18.44 1.70 -23.96
CA THR A 356 18.54 0.43 -23.26
C THR A 356 17.65 0.42 -22.02
N LEU A 357 17.63 1.54 -21.30
CA LEU A 357 16.80 1.73 -20.12
C LEU A 357 15.32 1.56 -20.46
N LEU A 358 14.88 2.25 -21.49
CA LEU A 358 13.47 2.21 -21.88
C LEU A 358 13.11 0.79 -22.29
N ALA A 359 13.98 0.16 -23.06
CA ALA A 359 13.70 -1.19 -23.58
C ALA A 359 13.55 -2.19 -22.43
N THR A 360 14.38 -2.02 -21.40
CA THR A 360 14.36 -2.88 -20.22
C THR A 360 13.02 -2.76 -19.50
N MET A 361 12.56 -1.52 -19.31
CA MET A 361 11.30 -1.28 -18.63
C MET A 361 10.16 -1.94 -19.41
N ILE A 362 10.17 -1.80 -20.73
CA ILE A 362 9.16 -2.48 -21.55
C ILE A 362 9.26 -3.99 -21.39
N GLU A 363 10.49 -4.52 -21.44
CA GLU A 363 10.68 -5.95 -21.34
C GLU A 363 10.21 -6.46 -19.97
N THR A 364 10.50 -5.72 -18.91
CA THR A 364 10.08 -6.12 -17.59
C THR A 364 8.56 -6.17 -17.44
N THR A 365 7.87 -5.15 -17.94
CA THR A 365 6.42 -5.11 -17.75
C THR A 365 5.72 -6.21 -18.58
N LEU A 366 6.28 -6.55 -19.73
CA LEU A 366 5.75 -7.65 -20.55
C LEU A 366 6.02 -9.00 -19.91
N ALA A 367 7.17 -9.15 -19.24
CA ALA A 367 7.47 -10.38 -18.51
C ALA A 367 6.45 -10.58 -17.39
N ARG A 368 6.03 -9.48 -16.77
CA ARG A 368 5.10 -9.53 -15.65
C ARG A 368 3.68 -9.80 -16.12
N ARG B 10 -35.36 8.71 4.08
CA ARG B 10 -34.73 7.40 4.18
C ARG B 10 -33.46 7.33 3.34
N VAL B 11 -32.35 6.96 3.99
CA VAL B 11 -31.05 6.83 3.34
C VAL B 11 -31.09 5.73 2.27
N ARG B 12 -30.72 6.09 1.05
CA ARG B 12 -30.66 5.11 -0.04
C ARG B 12 -29.39 4.28 0.03
N VAL B 13 -29.54 2.96 -0.03
CA VAL B 13 -28.41 2.05 0.17
C VAL B 13 -28.31 0.97 -0.91
N ALA B 14 -27.09 0.68 -1.33
CA ALA B 14 -26.86 -0.34 -2.36
C ALA B 14 -25.93 -1.44 -1.85
N VAL B 15 -26.41 -2.68 -1.88
CA VAL B 15 -25.58 -3.83 -1.51
C VAL B 15 -25.06 -4.54 -2.76
N VAL B 16 -23.75 -4.48 -2.97
CA VAL B 16 -23.12 -5.12 -4.12
C VAL B 16 -22.47 -6.45 -3.73
N PHE B 17 -22.59 -7.46 -4.59
CA PHE B 17 -22.18 -8.81 -4.22
C PHE B 17 -21.78 -9.71 -5.39
N HIS B 24 -18.10 -14.29 -4.01
CA HIS B 24 -17.90 -15.39 -4.94
C HIS B 24 -19.16 -16.24 -4.91
N ALA B 25 -19.39 -16.91 -3.79
CA ALA B 25 -20.62 -17.64 -3.54
C ALA B 25 -21.13 -17.31 -2.14
N ILE B 26 -20.22 -16.84 -1.29
CA ILE B 26 -20.57 -16.40 0.04
C ILE B 26 -21.03 -14.94 0.00
N SER B 27 -20.74 -14.27 -1.11
CA SER B 27 -21.16 -12.89 -1.33
C SER B 27 -22.67 -12.82 -1.54
N CYS B 28 -23.20 -13.80 -2.29
CA CYS B 28 -24.63 -13.88 -2.55
C CYS B 28 -25.40 -14.07 -1.25
N VAL B 29 -24.94 -15.03 -0.44
CA VAL B 29 -25.58 -15.34 0.84
C VAL B 29 -25.53 -14.13 1.78
N SER B 30 -24.34 -13.56 1.94
CA SER B 30 -24.17 -12.37 2.78
C SER B 30 -25.17 -11.30 2.42
N ALA B 31 -25.16 -10.89 1.16
CA ALA B 31 -26.07 -9.86 0.66
C ALA B 31 -27.51 -10.13 1.08
N GLY B 32 -27.88 -11.40 1.14
CA GLY B 32 -29.24 -11.79 1.50
C GLY B 32 -29.61 -11.36 2.91
N SER B 33 -28.76 -11.70 3.87
CA SER B 33 -29.00 -11.34 5.26
C SER B 33 -29.17 -9.83 5.40
N ILE B 34 -28.28 -9.09 4.75
CA ILE B 34 -28.26 -7.63 4.87
C ILE B 34 -29.59 -7.01 4.45
N LEU B 35 -30.15 -7.50 3.34
CA LEU B 35 -31.41 -6.98 2.83
C LEU B 35 -32.52 -7.10 3.86
N ARG B 36 -32.70 -8.31 4.39
CA ARG B 36 -33.79 -8.59 5.31
C ARG B 36 -33.63 -7.87 6.65
N ASN B 37 -32.43 -7.37 6.93
CA ASN B 37 -32.14 -6.85 8.26
C ASN B 37 -31.98 -5.34 8.36
N LEU B 38 -31.81 -4.67 7.22
CA LEU B 38 -31.77 -3.21 7.22
C LEU B 38 -33.16 -2.64 7.51
N ASP B 39 -33.28 -1.97 8.65
CA ASP B 39 -34.55 -1.37 9.07
C ASP B 39 -35.18 -0.58 7.93
N SER B 40 -36.18 -1.19 7.29
CA SER B 40 -36.87 -0.59 6.15
C SER B 40 -37.38 0.82 6.43
N ARG B 41 -37.77 1.07 7.67
CA ARG B 41 -38.30 2.37 8.07
C ARG B 41 -37.22 3.45 8.06
N ARG B 42 -35.97 3.01 7.98
CA ARG B 42 -34.84 3.92 8.11
C ARG B 42 -34.06 4.01 6.79
N PHE B 43 -34.15 2.96 5.98
CA PHE B 43 -33.33 2.86 4.78
C PHE B 43 -34.12 2.41 3.55
N ASP B 44 -33.77 2.97 2.40
CA ASP B 44 -34.25 2.49 1.12
C ASP B 44 -33.13 1.63 0.54
N VAL B 45 -33.44 0.39 0.17
CA VAL B 45 -32.38 -0.55 -0.20
C VAL B 45 -32.49 -1.10 -1.60
N ILE B 46 -31.35 -1.20 -2.28
CA ILE B 46 -31.27 -1.74 -3.64
C ILE B 46 -30.15 -2.77 -3.74
N ALA B 47 -30.53 -4.04 -3.95
CA ALA B 47 -29.54 -5.12 -4.07
C ALA B 47 -28.94 -5.13 -5.47
N VAL B 48 -27.67 -5.49 -5.58
CA VAL B 48 -26.96 -5.34 -6.84
C VAL B 48 -25.79 -6.30 -7.07
N GLY B 49 -26.00 -7.23 -8.01
CA GLY B 49 -24.90 -7.85 -8.73
C GLY B 49 -25.03 -7.16 -10.07
N ILE B 50 -26.29 -6.96 -10.43
CA ILE B 50 -26.74 -6.01 -11.45
C ILE B 50 -28.18 -5.78 -11.03
N THR B 51 -28.88 -4.82 -11.63
CA THR B 51 -30.25 -4.54 -11.21
C THR B 51 -31.06 -5.84 -11.02
N PRO B 52 -32.13 -5.76 -10.23
CA PRO B 52 -32.43 -6.78 -9.24
C PRO B 52 -31.42 -6.17 -8.30
N VAL B 106 -25.72 2.54 -13.61
CA VAL B 106 -24.83 3.41 -12.88
C VAL B 106 -25.60 4.04 -11.73
N LEU B 107 -25.37 5.33 -11.50
CA LEU B 107 -25.93 6.02 -10.33
C LEU B 107 -25.17 5.56 -9.08
N GLU B 108 -25.19 6.32 -7.98
CA GLU B 108 -26.05 7.48 -7.73
C GLU B 108 -27.48 7.06 -7.43
N SER B 109 -28.36 8.02 -7.19
CA SER B 109 -29.68 7.75 -6.63
C SER B 109 -29.53 7.04 -5.28
N VAL B 110 -28.29 6.71 -4.95
CA VAL B 110 -27.94 6.03 -3.71
C VAL B 110 -26.96 6.89 -2.91
N ASP B 111 -27.09 6.87 -1.59
CA ASP B 111 -26.29 7.73 -0.72
C ASP B 111 -25.18 6.97 0.00
N VAL B 112 -25.22 5.65 -0.08
CA VAL B 112 -24.18 4.81 0.52
C VAL B 112 -24.19 3.41 -0.11
N VAL B 113 -23.01 2.82 -0.24
CA VAL B 113 -22.90 1.50 -0.81
C VAL B 113 -22.34 0.50 0.21
N PHE B 114 -22.87 -0.71 0.18
CA PHE B 114 -22.45 -1.77 1.09
C PHE B 114 -21.81 -2.89 0.30
N PRO B 115 -20.49 -2.78 0.06
CA PRO B 115 -19.78 -3.80 -0.73
C PRO B 115 -19.65 -5.11 0.04
N VAL B 116 -19.89 -6.22 -0.65
CA VAL B 116 -19.80 -7.53 -0.01
C VAL B 116 -19.01 -8.49 -0.89
N LEU B 117 -17.99 -7.97 -1.58
CA LEU B 117 -17.20 -8.81 -2.48
C LEU B 117 -15.86 -8.19 -2.90
N HIS B 118 -15.03 -9.01 -3.55
CA HIS B 118 -13.80 -8.54 -4.19
C HIS B 118 -12.76 -7.93 -3.25
N THR B 126 -9.99 -3.14 -5.36
CA THR B 126 -10.29 -2.61 -6.69
C THR B 126 -11.76 -2.15 -6.77
N ILE B 127 -12.66 -2.93 -6.19
CA ILE B 127 -14.05 -2.51 -6.09
C ILE B 127 -14.11 -1.22 -5.28
N GLN B 128 -13.24 -1.15 -4.28
CA GLN B 128 -13.15 0.03 -3.43
C GLN B 128 -12.67 1.25 -4.21
N GLY B 129 -11.51 1.13 -4.85
CA GLY B 129 -10.96 2.23 -5.61
C GLY B 129 -11.97 2.80 -6.59
N LEU B 130 -12.84 1.93 -7.08
CA LEU B 130 -13.88 2.34 -8.02
C LEU B 130 -14.90 3.24 -7.33
N LEU B 131 -15.39 2.80 -6.17
CA LEU B 131 -16.32 3.61 -5.39
C LEU B 131 -15.65 4.89 -4.90
N GLU B 132 -14.38 4.80 -4.51
CA GLU B 132 -13.60 5.97 -4.14
C GLU B 132 -13.65 6.98 -5.30
N LEU B 133 -13.44 6.45 -6.50
CA LEU B 133 -13.40 7.26 -7.71
C LEU B 133 -14.79 7.75 -8.08
N ALA B 134 -15.81 7.22 -7.42
CA ALA B 134 -17.18 7.62 -7.68
C ALA B 134 -17.66 8.65 -6.67
N GLY B 135 -16.83 8.91 -5.67
CA GLY B 135 -17.16 9.87 -4.62
C GLY B 135 -18.34 9.46 -3.77
N VAL B 136 -18.60 8.16 -3.72
CA VAL B 136 -19.73 7.65 -2.94
C VAL B 136 -19.25 6.94 -1.67
N PRO B 137 -19.86 7.28 -0.53
CA PRO B 137 -19.52 6.69 0.77
C PRO B 137 -19.84 5.20 0.80
N TYR B 138 -18.90 4.39 1.29
CA TYR B 138 -19.13 2.95 1.36
C TYR B 138 -18.61 2.35 2.66
N VAL B 139 -19.25 1.25 3.06
CA VAL B 139 -18.87 0.50 4.26
C VAL B 139 -17.58 -0.28 4.02
N GLY B 140 -16.64 -0.16 4.94
CA GLY B 140 -15.45 -0.99 4.90
C GLY B 140 -14.13 -0.27 4.76
N ALA B 141 -13.06 -1.03 4.89
CA ALA B 141 -11.69 -0.52 4.89
C ALA B 141 -11.31 0.27 3.65
N GLY B 142 -11.76 -0.16 2.49
CA GLY B 142 -11.32 0.51 1.28
C GLY B 142 -9.86 0.28 0.89
N VAL B 143 -9.41 1.06 -0.07
CA VAL B 143 -8.23 0.75 -0.89
C VAL B 143 -6.98 0.17 -0.21
N LEU B 144 -6.20 1.04 0.43
CA LEU B 144 -4.93 0.63 0.99
C LEU B 144 -5.11 -0.38 2.10
N ALA B 145 -6.04 -0.10 3.00
CA ALA B 145 -6.29 -0.98 4.13
C ALA B 145 -6.73 -2.35 3.63
N SER B 146 -7.58 -2.37 2.61
CA SER B 146 -8.02 -3.62 2.03
C SER B 146 -6.82 -4.39 1.49
N ALA B 147 -5.96 -3.69 0.76
CA ALA B 147 -4.77 -4.32 0.20
C ALA B 147 -3.89 -4.89 1.31
N VAL B 148 -3.71 -4.12 2.38
CA VAL B 148 -2.87 -4.58 3.48
C VAL B 148 -3.43 -5.87 4.10
N GLY B 149 -4.72 -5.88 4.38
CA GLY B 149 -5.33 -7.03 5.02
C GLY B 149 -5.28 -8.28 4.16
N MET B 150 -5.14 -8.11 2.86
CA MET B 150 -5.04 -9.21 1.92
C MET B 150 -3.59 -9.65 1.69
N ASP B 151 -2.63 -8.85 2.14
CA ASP B 151 -1.21 -9.13 1.93
C ASP B 151 -0.56 -9.54 3.25
N LYS B 152 -0.21 -10.81 3.36
CA LYS B 152 0.36 -11.35 4.58
C LYS B 152 1.64 -10.63 5.00
N GLU B 153 2.44 -10.21 4.04
CA GLU B 153 3.67 -9.51 4.37
C GLU B 153 3.38 -8.11 4.90
N PHE B 154 2.56 -7.37 4.16
CA PHE B 154 2.18 -6.03 4.60
C PHE B 154 1.52 -6.05 5.99
N THR B 155 0.63 -7.01 6.20
CA THR B 155 -0.02 -7.16 7.49
C THR B 155 1.01 -7.29 8.62
N LYS B 156 1.95 -8.22 8.49
CA LYS B 156 2.92 -8.44 9.56
C LYS B 156 3.87 -7.26 9.73
N LYS B 157 4.25 -6.63 8.62
CA LYS B 157 5.08 -5.43 8.64
C LYS B 157 4.44 -4.36 9.50
N LEU B 158 3.28 -3.90 9.07
CA LEU B 158 2.59 -2.79 9.71
C LEU B 158 2.20 -3.10 11.17
N LEU B 159 1.88 -4.36 11.44
CA LEU B 159 1.56 -4.79 12.79
C LEU B 159 2.78 -4.72 13.70
N ALA B 160 3.89 -5.29 13.24
CA ALA B 160 5.14 -5.20 13.99
C ALA B 160 5.57 -3.76 14.14
N ALA B 161 5.19 -2.92 13.17
CA ALA B 161 5.51 -1.50 13.22
C ALA B 161 4.96 -0.85 14.49
N ASP B 162 3.72 -1.17 14.82
CA ASP B 162 3.07 -0.57 15.98
C ASP B 162 3.30 -1.40 17.25
N GLY B 163 4.32 -2.24 17.22
CA GLY B 163 4.69 -3.03 18.39
C GLY B 163 3.76 -4.17 18.73
N LEU B 164 2.96 -4.62 17.77
CA LEU B 164 2.03 -5.72 17.99
C LEU B 164 2.73 -7.05 17.72
N PRO B 165 2.24 -8.13 18.35
CA PRO B 165 2.96 -9.40 18.23
C PRO B 165 2.55 -10.16 16.98
N VAL B 166 3.52 -10.48 16.13
CA VAL B 166 3.28 -11.31 14.96
C VAL B 166 4.31 -12.44 14.93
N GLY B 167 4.04 -13.47 14.13
CA GLY B 167 4.97 -14.57 14.00
C GLY B 167 6.16 -14.18 13.15
N ALA B 168 7.26 -14.92 13.27
CA ALA B 168 8.43 -14.70 12.43
C ALA B 168 8.11 -15.09 10.99
N TYR B 169 8.69 -14.37 10.03
CA TYR B 169 8.45 -14.66 8.63
C TYR B 169 9.62 -14.16 7.78
N ALA B 170 9.63 -14.58 6.53
CA ALA B 170 10.57 -14.08 5.53
C ALA B 170 9.78 -14.04 4.23
N VAL B 171 10.16 -13.15 3.33
CA VAL B 171 9.45 -13.03 2.06
CA VAL B 171 9.46 -13.00 2.06
C VAL B 171 10.40 -13.28 0.88
N LEU B 172 9.88 -14.00 -0.12
CA LEU B 172 10.65 -14.35 -1.30
C LEU B 172 10.02 -13.71 -2.53
N ARG B 173 10.78 -12.84 -3.16
CA ARG B 173 10.38 -12.21 -4.42
C ARG B 173 11.32 -12.71 -5.52
N PRO B 174 10.78 -12.92 -6.73
CA PRO B 174 11.61 -13.36 -7.85
C PRO B 174 12.80 -12.42 -8.02
N PRO B 175 13.95 -12.97 -8.42
CA PRO B 175 14.12 -14.36 -8.80
C PRO B 175 14.45 -15.28 -7.61
N ARG B 176 14.35 -14.79 -6.38
CA ARG B 176 14.80 -15.57 -5.24
C ARG B 176 13.82 -16.65 -4.80
N SER B 177 14.32 -17.87 -4.60
CA SER B 177 13.51 -18.96 -4.09
CA SER B 177 13.52 -18.99 -4.11
C SER B 177 14.15 -19.58 -2.85
N THR B 178 15.43 -19.31 -2.65
CA THR B 178 16.18 -19.89 -1.55
C THR B 178 16.35 -18.93 -0.37
N LEU B 179 16.00 -19.39 0.82
CA LEU B 179 16.13 -18.56 2.01
C LEU B 179 17.58 -18.42 2.42
N HIS B 180 17.91 -17.26 3.01
CA HIS B 180 19.24 -17.04 3.57
C HIS B 180 19.32 -17.76 4.90
N ARG B 181 20.54 -18.08 5.31
CA ARG B 181 20.78 -18.74 6.59
C ARG B 181 20.16 -17.99 7.79
N GLN B 182 20.22 -16.67 7.76
CA GLN B 182 19.71 -15.88 8.88
C GLN B 182 18.18 -15.93 8.91
N GLU B 183 17.57 -16.12 7.75
CA GLU B 183 16.13 -16.30 7.67
C GLU B 183 15.74 -17.67 8.23
N CYS B 184 16.51 -18.69 7.87
CA CYS B 184 16.29 -20.02 8.45
C CYS B 184 16.46 -19.99 9.97
N GLU B 185 17.52 -19.34 10.41
CA GLU B 185 17.82 -19.19 11.83
C GLU B 185 16.61 -18.64 12.60
N ARG B 186 16.08 -17.52 12.13
CA ARG B 186 14.95 -16.85 12.76
C ARG B 186 13.61 -17.61 12.63
N LEU B 187 13.42 -18.31 11.52
CA LEU B 187 12.15 -18.97 11.28
C LEU B 187 11.96 -20.21 12.15
N GLY B 188 13.03 -20.96 12.35
CA GLY B 188 12.93 -22.29 12.95
C GLY B 188 12.13 -23.24 12.06
N LEU B 189 11.77 -24.40 12.61
CA LEU B 189 10.91 -25.36 11.92
C LEU B 189 9.84 -25.83 12.89
N PRO B 190 8.64 -26.20 12.40
CA PRO B 190 8.20 -26.19 11.00
C PRO B 190 7.81 -24.78 10.55
N VAL B 191 7.67 -24.60 9.24
CA VAL B 191 7.20 -23.33 8.67
C VAL B 191 6.01 -23.60 7.74
N PHE B 192 5.20 -22.59 7.49
CA PHE B 192 4.15 -22.67 6.50
C PHE B 192 4.51 -21.76 5.34
N VAL B 193 4.50 -22.33 4.13
CA VAL B 193 4.80 -21.58 2.91
C VAL B 193 3.49 -21.22 2.21
N LYS B 194 3.33 -19.94 1.91
CA LYS B 194 2.06 -19.45 1.37
C LYS B 194 2.26 -18.37 0.33
N PRO B 195 1.34 -18.29 -0.63
CA PRO B 195 1.26 -17.10 -1.47
C PRO B 195 1.00 -15.91 -0.55
N ALA B 196 1.72 -14.81 -0.75
CA ALA B 196 1.57 -13.66 0.14
C ALA B 196 0.14 -13.13 0.10
N ARG B 197 -0.48 -13.20 -1.06
CA ARG B 197 -1.84 -12.71 -1.23
C ARG B 197 -2.83 -13.86 -1.37
N GLY B 198 -4.11 -13.54 -1.32
CA GLY B 198 -5.14 -14.56 -1.48
C GLY B 198 -5.46 -15.26 -0.17
N GLY B 199 -6.33 -16.27 -0.24
CA GLY B 199 -6.69 -17.01 0.95
C GLY B 199 -5.51 -17.81 1.46
N SER B 200 -5.69 -18.44 2.62
CA SER B 200 -4.74 -19.43 3.10
C SER B 200 -5.38 -20.81 2.94
N SER B 201 -5.43 -21.26 1.70
CA SER B 201 -5.91 -22.58 1.38
C SER B 201 -5.14 -23.08 0.17
N ILE B 202 -5.12 -22.25 -0.86
CA ILE B 202 -4.51 -22.63 -2.13
C ILE B 202 -3.00 -22.36 -2.16
N GLY B 203 -2.24 -23.38 -2.57
CA GLY B 203 -0.80 -23.25 -2.75
C GLY B 203 -0.01 -23.17 -1.46
N VAL B 204 -0.63 -23.59 -0.37
CA VAL B 204 0.00 -23.58 0.94
C VAL B 204 0.60 -24.94 1.28
N SER B 205 1.78 -24.93 1.91
CA SER B 205 2.46 -26.17 2.30
C SER B 205 3.01 -26.06 3.71
N ARG B 206 3.01 -27.20 4.41
CA ARG B 206 3.66 -27.33 5.70
CA ARG B 206 3.68 -27.32 5.70
C ARG B 206 5.03 -27.95 5.47
N VAL B 207 6.08 -27.28 5.95
CA VAL B 207 7.45 -27.75 5.73
C VAL B 207 8.09 -28.09 7.08
N SER B 208 8.44 -29.35 7.26
CA SER B 208 8.99 -29.80 8.53
C SER B 208 10.49 -30.03 8.43
N SER B 209 11.01 -29.89 7.22
CA SER B 209 12.44 -30.06 6.95
C SER B 209 12.83 -29.13 5.80
N TRP B 210 14.01 -28.51 5.86
CA TRP B 210 14.42 -27.54 4.85
C TRP B 210 14.46 -28.10 3.42
N ASP B 211 14.74 -29.38 3.27
CA ASP B 211 14.81 -29.97 1.93
C ASP B 211 13.47 -29.92 1.19
N GLN B 212 12.38 -29.78 1.95
CA GLN B 212 11.03 -29.68 1.38
C GLN B 212 10.70 -28.25 0.93
N LEU B 213 11.53 -27.29 1.32
CA LEU B 213 11.21 -25.89 1.08
C LEU B 213 11.12 -25.49 -0.39
N PRO B 214 12.10 -25.88 -1.22
CA PRO B 214 12.08 -25.49 -2.64
C PRO B 214 10.78 -25.87 -3.35
N ALA B 215 10.31 -27.10 -3.17
CA ALA B 215 9.07 -27.53 -3.80
C ALA B 215 7.87 -26.73 -3.27
N ALA B 216 7.90 -26.41 -1.98
CA ALA B 216 6.85 -25.60 -1.38
C ALA B 216 6.79 -24.19 -1.98
N VAL B 217 7.95 -23.58 -2.18
CA VAL B 217 8.03 -22.24 -2.76
C VAL B 217 7.52 -22.26 -4.21
N ALA B 218 7.92 -23.28 -4.96
CA ALA B 218 7.46 -23.47 -6.33
C ALA B 218 5.95 -23.61 -6.40
N ARG B 219 5.38 -24.34 -5.44
CA ARG B 219 3.93 -24.51 -5.39
C ARG B 219 3.23 -23.18 -5.14
N ALA B 220 3.69 -22.45 -4.12
CA ALA B 220 3.09 -21.18 -3.76
C ALA B 220 3.21 -20.20 -4.92
N ARG B 221 4.38 -20.20 -5.55
CA ARG B 221 4.68 -19.22 -6.56
C ARG B 221 3.82 -19.41 -7.79
N ARG B 222 3.19 -20.57 -7.91
CA ARG B 222 2.20 -20.75 -8.96
C ARG B 222 1.02 -19.81 -8.77
N HIS B 223 0.81 -19.34 -7.54
CA HIS B 223 -0.35 -18.50 -7.25
C HIS B 223 -0.02 -17.04 -6.97
N ASP B 224 1.23 -16.77 -6.63
CA ASP B 224 1.67 -15.41 -6.35
C ASP B 224 3.19 -15.38 -6.49
N PRO B 225 3.73 -14.39 -7.22
CA PRO B 225 5.19 -14.28 -7.36
C PRO B 225 5.80 -14.04 -5.98
N LYS B 226 5.09 -13.28 -5.15
CA LYS B 226 5.56 -13.03 -3.79
C LYS B 226 5.14 -14.16 -2.87
N VAL B 227 6.13 -14.83 -2.28
CA VAL B 227 5.85 -15.98 -1.41
C VAL B 227 6.30 -15.69 0.02
N ILE B 228 5.43 -15.96 0.99
CA ILE B 228 5.81 -15.77 2.38
C ILE B 228 6.10 -17.10 3.06
N VAL B 229 7.19 -17.15 3.81
CA VAL B 229 7.49 -18.31 4.63
C VAL B 229 7.31 -17.92 6.10
N GLU B 230 6.38 -18.60 6.77
CA GLU B 230 5.98 -18.24 8.13
C GLU B 230 6.32 -19.30 9.16
N ALA B 231 6.85 -18.87 10.30
CA ALA B 231 7.01 -19.78 11.42
C ALA B 231 5.61 -20.26 11.79
N ALA B 232 5.48 -21.56 12.08
CA ALA B 232 4.21 -22.10 12.52
C ALA B 232 3.80 -21.43 13.82
N ILE B 233 2.54 -21.01 13.89
CA ILE B 233 1.99 -20.49 15.13
C ILE B 233 0.94 -21.47 15.60
N SER B 234 0.96 -21.81 16.89
CA SER B 234 -0.02 -22.76 17.40
C SER B 234 -0.52 -22.41 18.78
N GLY B 235 -1.77 -22.80 19.05
CA GLY B 235 -2.39 -22.59 20.36
C GLY B 235 -3.90 -22.56 20.23
N ARG B 236 -4.56 -21.77 21.08
CA ARG B 236 -6.00 -21.60 20.95
C ARG B 236 -6.24 -20.47 19.96
N GLU B 237 -7.17 -20.66 19.04
CA GLU B 237 -7.49 -19.63 18.06
C GLU B 237 -8.68 -18.78 18.50
N LEU B 238 -8.48 -17.47 18.54
CA LEU B 238 -9.50 -16.57 19.05
C LEU B 238 -9.69 -15.40 18.10
N GLU B 239 -10.95 -15.07 17.82
CA GLU B 239 -11.28 -13.96 16.95
C GLU B 239 -11.83 -12.81 17.77
N CYS B 240 -11.70 -11.60 17.23
CA CYS B 240 -12.28 -10.42 17.83
C CYS B 240 -12.73 -9.50 16.71
N GLY B 241 -13.96 -9.02 16.79
CA GLY B 241 -14.48 -8.08 15.81
C GLY B 241 -14.31 -6.65 16.29
N VAL B 242 -13.70 -5.81 15.46
CA VAL B 242 -13.60 -4.38 15.79
C VAL B 242 -14.66 -3.64 15.00
N LEU B 243 -15.30 -2.67 15.66
CA LEU B 243 -16.34 -1.87 15.03
C LEU B 243 -16.05 -0.37 15.18
N GLU B 244 -16.15 0.36 14.08
CA GLU B 244 -15.91 1.79 14.14
C GLU B 244 -17.24 2.51 14.36
N MET B 245 -17.29 3.29 15.43
CA MET B 245 -18.49 4.05 15.78
C MET B 245 -18.53 5.35 15.00
N PRO B 246 -19.72 5.98 14.91
CA PRO B 246 -19.87 7.26 14.22
C PRO B 246 -18.98 8.36 14.78
N ASP B 247 -18.73 8.38 16.09
CA ASP B 247 -17.86 9.40 16.69
C ASP B 247 -16.37 9.08 16.53
N GLY B 248 -16.06 7.99 15.83
CA GLY B 248 -14.68 7.63 15.55
C GLY B 248 -14.01 6.70 16.55
N THR B 249 -14.67 6.46 17.69
CA THR B 249 -14.15 5.51 18.66
C THR B 249 -14.27 4.09 18.14
N LEU B 250 -13.34 3.23 18.56
CA LEU B 250 -13.32 1.85 18.13
C LEU B 250 -13.72 0.95 19.27
N GLU B 251 -14.63 0.02 18.99
CA GLU B 251 -15.11 -0.92 20.01
C GLU B 251 -14.72 -2.34 19.60
N ALA B 252 -14.34 -3.13 20.59
CA ALA B 252 -13.96 -4.51 20.35
C ALA B 252 -15.04 -5.40 20.92
N SER B 253 -15.41 -6.43 20.15
CA SER B 253 -16.42 -7.39 20.56
C SER B 253 -15.85 -8.37 21.56
N THR B 254 -16.73 -9.11 22.22
CA THR B 254 -16.32 -10.26 23.00
C THR B 254 -15.55 -11.21 22.08
N LEU B 255 -14.70 -12.04 22.66
CA LEU B 255 -13.92 -13.01 21.90
C LEU B 255 -14.77 -14.20 21.46
N GLY B 256 -14.47 -14.72 20.28
CA GLY B 256 -15.02 -15.99 19.85
C GLY B 256 -13.90 -16.97 19.56
N GLU B 257 -14.02 -18.20 20.04
CA GLU B 257 -13.00 -19.21 19.83
C GLU B 257 -13.44 -20.24 18.82
N ILE B 258 -12.49 -20.73 18.02
CA ILE B 258 -12.75 -21.83 17.10
C ILE B 258 -11.80 -23.01 17.34
N ARG B 259 -12.31 -24.22 17.19
CA ARG B 259 -11.51 -25.41 17.31
C ARG B 259 -11.87 -26.39 16.21
N VAL B 260 -10.90 -26.70 15.36
CA VAL B 260 -10.96 -27.90 14.54
C VAL B 260 -9.83 -28.74 15.11
N ALA B 261 -9.65 -29.96 14.64
CA ALA B 261 -8.53 -30.78 15.12
C ALA B 261 -8.71 -31.23 16.57
N GLY B 262 -8.13 -32.38 16.88
CA GLY B 262 -8.29 -32.99 18.20
C GLY B 262 -7.28 -32.50 19.21
N VAL B 263 -7.72 -31.60 20.08
CA VAL B 263 -6.89 -31.06 21.16
C VAL B 263 -7.55 -29.84 21.78
N ARG B 264 -6.81 -29.15 22.64
CA ARG B 264 -7.27 -27.89 23.22
C ARG B 264 -6.59 -26.75 22.49
N GLY B 265 -5.28 -26.61 22.71
CA GLY B 265 -4.47 -25.75 21.87
C GLY B 265 -4.42 -26.43 20.52
N ARG B 266 -3.22 -26.73 20.05
CA ARG B 266 -3.06 -27.51 18.83
C ARG B 266 -3.84 -27.01 17.61
N GLU B 267 -4.52 -25.88 17.72
CA GLU B 267 -4.93 -25.16 16.52
C GLU B 267 -3.64 -24.56 15.97
N ASP B 268 -3.49 -24.52 14.66
CA ASP B 268 -2.35 -23.82 14.09
C ASP B 268 -2.76 -22.90 12.94
N SER B 269 -1.82 -22.08 12.48
CA SER B 269 -2.11 -21.02 11.54
C SER B 269 -2.02 -21.48 10.09
N PHE B 270 -2.11 -22.79 9.86
CA PHE B 270 -1.93 -23.33 8.52
C PHE B 270 -3.02 -22.85 7.58
N TYR B 271 -4.27 -23.24 7.86
CA TYR B 271 -5.43 -22.74 7.12
C TYR B 271 -5.93 -21.43 7.70
N ASP B 272 -6.60 -20.61 6.90
CA ASP B 272 -7.15 -19.35 7.42
C ASP B 272 -8.48 -19.57 8.13
N PHE B 273 -8.83 -18.66 9.02
CA PHE B 273 -10.08 -18.78 9.77
C PHE B 273 -11.27 -19.10 8.89
N ALA B 274 -11.40 -18.38 7.79
CA ALA B 274 -12.56 -18.52 6.92
C ALA B 274 -12.74 -19.97 6.49
N THR B 275 -11.67 -20.61 6.04
CA THR B 275 -11.75 -22.00 5.59
C THR B 275 -12.16 -22.93 6.72
N LYS B 276 -11.53 -22.75 7.88
CA LYS B 276 -11.83 -23.61 9.02
C LYS B 276 -13.26 -23.41 9.47
N TYR B 277 -13.78 -22.20 9.31
CA TYR B 277 -15.14 -21.88 9.70
C TYR B 277 -16.17 -22.63 8.86
N LEU B 278 -15.76 -23.10 7.69
CA LEU B 278 -16.67 -23.83 6.82
C LEU B 278 -16.62 -25.33 7.08
N ASP B 279 -15.60 -25.77 7.81
CA ASP B 279 -15.44 -27.19 8.10
C ASP B 279 -16.58 -27.68 8.99
N ASP B 280 -17.07 -28.89 8.69
CA ASP B 280 -18.15 -29.50 9.47
C ASP B 280 -17.68 -29.84 10.89
N ALA B 281 -16.39 -30.16 11.02
CA ALA B 281 -15.81 -30.51 12.31
C ALA B 281 -15.69 -29.33 13.27
N ALA B 282 -15.75 -28.11 12.73
CA ALA B 282 -15.49 -26.89 13.49
C ALA B 282 -16.39 -26.72 14.71
N GLU B 283 -15.79 -26.45 15.86
CA GLU B 283 -16.54 -26.12 17.07
C GLU B 283 -16.29 -24.67 17.46
N LEU B 284 -17.37 -23.95 17.79
CA LEU B 284 -17.28 -22.54 18.15
C LEU B 284 -17.69 -22.28 19.59
N ASP B 285 -16.94 -21.41 20.27
CA ASP B 285 -17.35 -20.88 21.57
C ASP B 285 -17.45 -19.37 21.48
N VAL B 286 -18.68 -18.85 21.58
CA VAL B 286 -18.92 -17.41 21.54
C VAL B 286 -19.91 -17.08 22.65
N PRO B 287 -19.41 -16.42 23.72
CA PRO B 287 -18.04 -15.94 23.93
C PRO B 287 -17.02 -17.06 24.17
N ALA B 288 -15.76 -16.78 23.87
CA ALA B 288 -14.69 -17.73 24.21
C ALA B 288 -14.54 -17.78 25.71
N LYS B 289 -14.25 -18.97 26.24
CA LYS B 289 -13.99 -19.10 27.67
C LYS B 289 -12.53 -18.80 27.97
N VAL B 290 -12.25 -17.55 28.31
CA VAL B 290 -10.88 -17.09 28.49
C VAL B 290 -10.79 -16.20 29.73
N ASP B 291 -9.62 -16.19 30.37
CA ASP B 291 -9.40 -15.31 31.51
C ASP B 291 -9.69 -13.87 31.13
N ASP B 292 -10.19 -13.10 32.10
CA ASP B 292 -10.61 -11.72 31.86
C ASP B 292 -9.46 -10.78 31.47
N GLN B 293 -8.35 -10.89 32.19
CA GLN B 293 -7.18 -10.06 31.90
C GLN B 293 -6.66 -10.39 30.51
N VAL B 294 -6.68 -11.67 30.17
CA VAL B 294 -6.23 -12.11 28.86
C VAL B 294 -7.19 -11.64 27.77
N ALA B 295 -8.49 -11.79 28.00
CA ALA B 295 -9.49 -11.35 27.04
C ALA B 295 -9.41 -9.85 26.79
N GLU B 296 -9.36 -9.08 27.88
CA GLU B 296 -9.23 -7.63 27.81
C GLU B 296 -8.01 -7.18 26.98
N ALA B 297 -6.86 -7.78 27.26
CA ALA B 297 -5.63 -7.45 26.52
C ALA B 297 -5.77 -7.78 25.03
N ILE B 298 -6.41 -8.90 24.73
CA ILE B 298 -6.58 -9.31 23.35
C ILE B 298 -7.48 -8.31 22.61
N ARG B 299 -8.59 -7.95 23.24
CA ARG B 299 -9.50 -6.96 22.67
C ARG B 299 -8.77 -5.64 22.41
N GLN B 300 -7.84 -5.30 23.30
CA GLN B 300 -7.03 -4.11 23.11
C GLN B 300 -6.07 -4.22 21.92
N LEU B 301 -5.40 -5.37 21.82
CA LEU B 301 -4.52 -5.63 20.68
C LEU B 301 -5.32 -5.53 19.39
N ALA B 302 -6.58 -5.92 19.45
CA ALA B 302 -7.41 -5.94 18.25
C ALA B 302 -7.72 -4.53 17.77
N ILE B 303 -8.00 -3.63 18.71
CA ILE B 303 -8.22 -2.22 18.40
C ILE B 303 -6.99 -1.63 17.74
N ARG B 304 -5.84 -1.87 18.34
CA ARG B 304 -4.57 -1.38 17.81
C ARG B 304 -4.27 -1.93 16.41
N ALA B 305 -4.54 -3.22 16.20
CA ALA B 305 -4.34 -3.83 14.89
C ALA B 305 -5.15 -3.12 13.82
N PHE B 306 -6.40 -2.81 14.16
CA PHE B 306 -7.32 -2.12 13.26
C PHE B 306 -6.74 -0.77 12.85
N ALA B 307 -6.16 -0.06 13.81
CA ALA B 307 -5.60 1.26 13.56
C ALA B 307 -4.25 1.15 12.83
N ALA B 308 -3.54 0.05 13.07
CA ALA B 308 -2.22 -0.16 12.49
C ALA B 308 -2.25 -0.22 10.96
N ILE B 309 -3.37 -0.65 10.40
CA ILE B 309 -3.47 -0.75 8.94
C ILE B 309 -4.43 0.28 8.38
N ASP B 310 -4.80 1.25 9.21
CA ASP B 310 -5.67 2.35 8.80
C ASP B 310 -7.03 1.85 8.31
N CYS B 311 -7.56 0.82 8.97
CA CYS B 311 -8.84 0.22 8.59
C CYS B 311 -10.02 1.17 8.86
N ARG B 312 -11.15 0.87 8.24
CA ARG B 312 -12.36 1.65 8.43
C ARG B 312 -13.53 0.72 8.69
N GLY B 313 -14.48 1.18 9.50
CA GLY B 313 -15.76 0.51 9.64
C GLY B 313 -15.74 -0.75 10.48
N LEU B 314 -14.93 -1.72 10.08
CA LEU B 314 -14.95 -3.01 10.75
C LEU B 314 -13.79 -3.91 10.34
N ALA B 315 -13.50 -4.87 11.20
CA ALA B 315 -12.52 -5.90 10.89
C ALA B 315 -12.68 -7.09 11.86
N ARG B 316 -12.33 -8.28 11.38
CA ARG B 316 -12.18 -9.43 12.24
C ARG B 316 -10.70 -9.71 12.42
N VAL B 317 -10.23 -9.75 13.66
CA VAL B 317 -8.83 -10.04 13.91
C VAL B 317 -8.65 -11.45 14.46
N ASP B 318 -7.73 -12.19 13.85
CA ASP B 318 -7.48 -13.59 14.15
C ASP B 318 -6.22 -13.77 14.98
N PHE B 319 -6.38 -14.26 16.21
CA PHE B 319 -5.29 -14.43 17.17
C PHE B 319 -5.00 -15.90 17.44
N PHE B 320 -3.75 -16.19 17.81
CA PHE B 320 -3.41 -17.46 18.42
C PHE B 320 -2.84 -17.18 19.80
N LEU B 321 -3.42 -17.81 20.80
CA LEU B 321 -2.92 -17.68 22.16
C LEU B 321 -1.83 -18.73 22.31
N THR B 322 -0.58 -18.31 22.17
CA THR B 322 0.53 -19.24 22.18
C THR B 322 1.11 -19.36 23.58
N ASP B 323 2.10 -20.23 23.74
CA ASP B 323 2.80 -20.37 25.02
C ASP B 323 3.40 -19.04 25.47
N ASP B 324 3.77 -18.21 24.50
CA ASP B 324 4.40 -16.92 24.79
C ASP B 324 3.42 -15.75 24.65
N GLY B 325 2.13 -16.01 24.73
CA GLY B 325 1.13 -14.96 24.67
C GLY B 325 0.45 -14.85 23.32
N PRO B 326 -0.49 -13.91 23.19
CA PRO B 326 -1.23 -13.74 21.94
C PRO B 326 -0.33 -13.38 20.77
N VAL B 327 -0.68 -13.90 19.59
CA VAL B 327 0.00 -13.56 18.36
C VAL B 327 -1.05 -13.29 17.30
N ILE B 328 -0.91 -12.18 16.58
CA ILE B 328 -1.87 -11.85 15.53
C ILE B 328 -1.48 -12.55 14.23
N ASN B 329 -2.45 -13.24 13.64
CA ASN B 329 -2.22 -13.98 12.41
C ASN B 329 -2.85 -13.32 11.20
N GLU B 330 -3.99 -12.67 11.40
CA GLU B 330 -4.73 -12.08 10.28
C GLU B 330 -5.62 -10.94 10.76
N ILE B 331 -5.73 -9.90 9.91
CA ILE B 331 -6.78 -8.90 10.05
C ILE B 331 -7.62 -8.98 8.81
N ASN B 332 -8.87 -9.39 8.95
CA ASN B 332 -9.75 -9.52 7.79
C ASN B 332 -10.67 -8.31 7.71
N THR B 333 -10.58 -7.57 6.61
CA THR B 333 -11.38 -6.36 6.45
C THR B 333 -12.72 -6.62 5.75
N MET B 334 -12.98 -7.88 5.39
CA MET B 334 -14.30 -8.22 4.84
C MET B 334 -14.85 -9.53 5.39
N PRO B 335 -15.25 -9.52 6.67
CA PRO B 335 -15.78 -10.73 7.31
C PRO B 335 -17.13 -11.14 6.72
N GLY B 336 -17.53 -12.38 6.97
CA GLY B 336 -18.83 -12.84 6.51
C GLY B 336 -19.94 -11.99 7.10
N PHE B 337 -20.99 -11.76 6.32
CA PHE B 337 -22.12 -10.97 6.77
C PHE B 337 -23.45 -11.71 6.74
N THR B 338 -23.42 -13.00 7.06
CA THR B 338 -24.67 -13.72 7.33
C THR B 338 -24.89 -13.67 8.83
N THR B 339 -26.12 -13.86 9.25
CA THR B 339 -26.45 -13.84 10.69
C THR B 339 -25.77 -14.98 11.44
N ILE B 340 -25.16 -15.90 10.71
CA ILE B 340 -24.44 -17.00 11.33
C ILE B 340 -22.93 -16.90 11.11
N SER B 341 -22.50 -15.81 10.49
CA SER B 341 -21.07 -15.54 10.34
C SER B 341 -20.47 -15.13 11.68
N MET B 342 -19.16 -15.27 11.81
CA MET B 342 -18.46 -15.07 13.07
C MET B 342 -18.57 -13.62 13.59
N TYR B 343 -18.36 -12.65 12.71
CA TYR B 343 -18.40 -11.26 13.09
C TYR B 343 -19.77 -10.85 13.65
N PRO B 344 -20.85 -11.11 12.91
CA PRO B 344 -22.17 -10.83 13.50
C PRO B 344 -22.40 -11.60 14.81
N ARG B 345 -21.95 -12.84 14.87
CA ARG B 345 -22.11 -13.64 16.09
C ARG B 345 -21.43 -13.03 17.31
N MET B 346 -20.21 -12.55 17.13
CA MET B 346 -19.45 -11.99 18.23
C MET B 346 -20.13 -10.74 18.77
N TRP B 347 -20.64 -9.93 17.86
CA TRP B 347 -21.32 -8.71 18.26
C TRP B 347 -22.66 -8.98 18.93
N ALA B 348 -23.37 -10.00 18.47
CA ALA B 348 -24.63 -10.36 19.12
C ALA B 348 -24.34 -10.82 20.54
N ALA B 349 -23.24 -11.52 20.72
CA ALA B 349 -22.83 -11.96 22.06
C ALA B 349 -22.28 -10.80 22.88
N SER B 350 -22.16 -9.64 22.26
CA SER B 350 -21.66 -8.46 22.96
C SER B 350 -22.79 -7.46 23.21
N GLY B 351 -24.00 -7.85 22.85
CA GLY B 351 -25.16 -7.00 23.09
C GLY B 351 -25.50 -6.08 21.92
N VAL B 352 -25.03 -6.46 20.73
CA VAL B 352 -25.32 -5.68 19.53
C VAL B 352 -25.91 -6.60 18.47
N ASP B 353 -27.24 -6.53 18.32
CA ASP B 353 -27.92 -7.42 17.38
C ASP B 353 -27.63 -7.03 15.94
N TYR B 354 -27.90 -7.96 15.04
CA TYR B 354 -27.58 -7.81 13.63
C TYR B 354 -28.12 -6.51 13.01
N PRO B 355 -29.39 -6.18 13.26
CA PRO B 355 -29.93 -4.93 12.69
C PRO B 355 -29.20 -3.68 13.20
N THR B 356 -28.90 -3.65 14.49
CA THR B 356 -28.19 -2.53 15.10
C THR B 356 -26.78 -2.43 14.56
N LEU B 357 -26.16 -3.58 14.30
CA LEU B 357 -24.80 -3.63 13.81
C LEU B 357 -24.71 -2.99 12.42
N LEU B 358 -25.61 -3.38 11.53
CA LEU B 358 -25.65 -2.86 10.18
C LEU B 358 -25.97 -1.36 10.15
N ALA B 359 -26.96 -0.96 10.93
CA ALA B 359 -27.34 0.45 10.98
C ALA B 359 -26.16 1.27 11.45
N THR B 360 -25.43 0.74 12.43
CA THR B 360 -24.26 1.42 12.96
C THR B 360 -23.18 1.60 11.90
N MET B 361 -22.97 0.58 11.08
CA MET B 361 -21.95 0.65 10.05
C MET B 361 -22.30 1.75 9.06
N ILE B 362 -23.56 1.78 8.65
CA ILE B 362 -24.05 2.81 7.75
C ILE B 362 -23.92 4.20 8.39
N GLU B 363 -24.34 4.31 9.65
CA GLU B 363 -24.17 5.52 10.44
C GLU B 363 -22.74 6.04 10.35
N THR B 364 -21.79 5.17 10.63
CA THR B 364 -20.38 5.53 10.72
C THR B 364 -19.81 6.01 9.41
N THR B 365 -20.19 5.35 8.32
CA THR B 365 -19.63 5.68 7.01
C THR B 365 -20.25 6.96 6.45
N LEU B 366 -21.48 7.26 6.83
CA LEU B 366 -22.10 8.53 6.48
C LEU B 366 -21.39 9.67 7.19
N ALA B 367 -20.99 9.42 8.43
CA ALA B 367 -20.40 10.45 9.28
C ALA B 367 -18.96 10.82 8.88
N ARG B 368 -18.29 9.96 8.13
CA ARG B 368 -16.88 10.19 7.84
C ARG B 368 -16.61 10.89 6.49
N GLY B 369 -17.03 10.27 5.39
CA GLY B 369 -16.58 10.69 4.07
C GLY B 369 -17.68 11.25 3.20
N VAL B 370 -17.45 11.26 1.88
CA VAL B 370 -16.20 10.75 1.31
C VAL B 370 -15.06 11.76 1.44
N GLY B 371 -13.92 11.44 0.82
CA GLY B 371 -12.77 12.32 0.88
C GLY B 371 -11.63 11.72 1.67
N LEU B 372 -10.48 12.40 1.65
CA LEU B 372 -9.30 11.90 2.35
C LEU B 372 -9.59 11.62 3.81
N HIS B 373 -9.10 10.49 4.31
CA HIS B 373 -9.31 10.09 5.70
C HIS B 373 -8.18 9.20 6.19
N NO3 C . 13.71 12.10 -11.38
O1 NO3 C . 13.86 11.83 -12.75
O2 NO3 C . 12.85 11.15 -10.81
O3 NO3 C . 14.95 11.93 -10.76
N NO3 D . -16.70 -14.17 9.18
O1 NO3 D . -15.29 -14.16 9.22
O2 NO3 D . -17.17 -15.47 9.50
O3 NO3 D . -17.23 -13.20 10.06
#